data_5SL9
#
_entry.id   5SL9
#
_cell.length_a   67.636
_cell.length_b   68.494
_cell.length_c   138.401
_cell.angle_alpha   90.000
_cell.angle_beta   90.000
_cell.angle_gamma   90.000
#
_symmetry.space_group_name_H-M   'P 21 21 21'
#
loop_
_entity.id
_entity.type
_entity.pdbx_description
1 polymer 'Proofreading exoribonuclease nsp14'
2 non-polymer 'ZINC ION'
3 non-polymer 'PHOSPHATE ION'
4 non-polymer N-{4-[(pyrimidin-2-yl)oxy]phenyl}acetamide
5 water water
#
_entity_poly.entity_id   1
_entity_poly.type   'polypeptide(L)'
_entity_poly.pdbx_seq_one_letter_code
;SMLFKDCSKVITGLHPTQAPTHLSVDTKFKTEGLCVDIPGIPKDMTYRRLISMMGFKMNYQVNGYPNMFITREEAIRHVR
AWIGFDVEGCHATREAVGTNLPLQLGFSTGVNLVAVPTGYVDTPNNTDFSRVSAKPPPGDQFKHLIPLMYKGLPWNVVRI
KIVQMLSDTLKNLSDRVVFVLWAHGFELTSMKYFVKIGPERTCCLCDRRATCFSTASDTYACWHHSIGFDYVYNPFMIDV
QQWGFTGNLQSNHDLYCQVHGNAHVASCDAIMTRCLAVHECFVKRVDWTIEYPIIGDELKINAACRKVQHMVVKAALLAD
KFPVLHDIGNPKAIKCVPQADVEWKFYDAQPCSDKAYKIEELFYSYATHSDKFTDGVCLFWNCNVDRYPANSIVCRFDTR
VLSNLNLPGCDGGSLYVNKHAFHTPAFDKSAFVNLKQLPFFYYSDSPCESHGKQVVSDIDYVPLKSATCITRCNLGGAVC
RHHANEYRLYLDAYNMMISAGFSLWVYKQFDTYNLWNTFTRLQ
;
_entity_poly.pdbx_strand_id   D
#
loop_
_chem_comp.id
_chem_comp.type
_chem_comp.name
_chem_comp.formula
O0S non-polymer N-{4-[(pyrimidin-2-yl)oxy]phenyl}acetamide 'C12 H11 N3 O2'
PO4 non-polymer 'PHOSPHATE ION' 'O4 P -3'
ZN non-polymer 'ZINC ION' 'Zn 2'
#
# COMPACT_ATOMS: atom_id res chain seq x y z
N PRO A 20 9.76 24.42 -10.11
CA PRO A 20 8.56 23.69 -10.54
C PRO A 20 8.07 22.69 -9.50
N THR A 21 7.61 23.21 -8.36
CA THR A 21 7.08 22.40 -7.28
C THR A 21 5.64 21.99 -7.62
N HIS A 22 4.82 22.95 -8.06
CA HIS A 22 3.43 22.68 -8.41
C HIS A 22 3.16 22.71 -9.92
N LEU A 23 1.98 22.26 -10.36
CA LEU A 23 1.59 22.27 -11.75
C LEU A 23 1.12 23.68 -12.08
N SER A 24 1.74 24.33 -13.10
CA SER A 24 1.32 25.69 -13.48
C SER A 24 -0.10 25.65 -14.02
N VAL A 25 -0.96 26.57 -13.58
CA VAL A 25 -2.30 26.67 -14.19
C VAL A 25 -2.22 27.05 -15.67
N ASP A 26 -1.09 27.65 -16.13
CA ASP A 26 -0.96 28.00 -17.54
C ASP A 26 -0.47 26.82 -18.42
N THR A 27 -0.28 25.61 -17.82
CA THR A 27 0.11 24.41 -18.56
C THR A 27 -1.08 24.02 -19.47
N LYS A 28 -0.77 23.54 -20.67
CA LYS A 28 -1.80 23.08 -21.60
C LYS A 28 -2.40 21.75 -21.13
N PHE A 29 -3.69 21.57 -21.40
CA PHE A 29 -4.46 20.38 -21.06
C PHE A 29 -5.05 19.89 -22.39
N LYS A 30 -4.77 18.63 -22.78
CA LYS A 30 -5.31 18.08 -24.02
C LYS A 30 -6.78 17.76 -23.78
N THR A 31 -7.66 18.31 -24.61
CA THR A 31 -9.11 18.22 -24.43
C THR A 31 -9.82 17.18 -25.29
N GLU A 32 -9.08 16.43 -26.12
CA GLU A 32 -9.70 15.44 -27.01
C GLU A 32 -10.58 14.38 -26.27
N GLY A 33 -10.11 13.92 -25.13
CA GLY A 33 -10.84 12.97 -24.30
C GLY A 33 -12.16 13.50 -23.74
N LEU A 34 -12.27 14.83 -23.66
CA LEU A 34 -13.44 15.55 -23.16
C LEU A 34 -14.51 15.88 -24.21
N CYS A 35 -14.20 15.79 -25.51
CA CYS A 35 -15.11 16.33 -26.54
C CYS A 35 -16.39 15.50 -26.83
N VAL A 36 -16.53 14.27 -26.31
CA VAL A 36 -17.79 13.53 -26.53
C VAL A 36 -18.85 14.03 -25.49
N ASP A 37 -18.45 14.22 -24.23
CA ASP A 37 -19.37 14.81 -23.23
C ASP A 37 -19.47 16.34 -23.43
N ILE A 38 -18.37 16.98 -23.86
CA ILE A 38 -18.32 18.43 -24.11
C ILE A 38 -18.01 18.77 -25.60
N PRO A 39 -18.98 18.59 -26.51
CA PRO A 39 -18.72 18.89 -27.93
C PRO A 39 -18.45 20.37 -28.19
N GLY A 40 -17.49 20.65 -29.07
CA GLY A 40 -17.09 22.01 -29.40
C GLY A 40 -16.01 22.55 -28.50
N ILE A 41 -15.54 21.75 -27.49
CA ILE A 41 -14.49 22.16 -26.55
C ILE A 41 -13.23 22.61 -27.33
N PRO A 42 -12.63 23.76 -26.95
CA PRO A 42 -11.45 24.23 -27.69
C PRO A 42 -10.28 23.30 -27.51
N LYS A 43 -9.53 23.13 -28.58
CA LYS A 43 -8.34 22.28 -28.58
C LYS A 43 -7.25 22.92 -27.69
N ASP A 44 -7.16 24.25 -27.74
CA ASP A 44 -6.23 25.05 -27.00
C ASP A 44 -6.88 25.32 -25.67
N MET A 45 -6.32 24.76 -24.61
CA MET A 45 -6.90 24.86 -23.28
C MET A 45 -5.84 24.79 -22.19
N THR A 46 -5.92 25.64 -21.18
CA THR A 46 -4.99 25.58 -20.04
C THR A 46 -5.78 25.13 -18.80
N TYR A 47 -5.08 24.73 -17.73
CA TYR A 47 -5.72 24.37 -16.47
C TYR A 47 -6.54 25.57 -15.94
N ARG A 48 -6.02 26.80 -16.12
CA ARG A 48 -6.66 28.05 -15.73
C ARG A 48 -8.05 28.15 -16.36
N ARG A 49 -8.13 27.92 -17.68
CA ARG A 49 -9.41 27.99 -18.39
C ARG A 49 -10.33 26.81 -18.05
N LEU A 50 -9.77 25.60 -17.92
CA LEU A 50 -10.52 24.40 -17.53
C LEU A 50 -11.16 24.56 -16.14
N ILE A 51 -10.42 25.10 -15.15
CA ILE A 51 -10.94 25.28 -13.80
C ILE A 51 -12.13 26.27 -13.82
N SER A 52 -11.99 27.35 -14.60
CA SER A 52 -13.05 28.32 -14.78
C SER A 52 -14.30 27.67 -15.43
N MET A 53 -14.08 26.83 -16.44
CA MET A 53 -15.14 26.09 -17.14
C MET A 53 -15.85 25.11 -16.17
N MET A 54 -15.10 24.58 -15.20
CA MET A 54 -15.68 23.70 -14.17
C MET A 54 -16.52 24.48 -13.14
N GLY A 55 -16.62 25.82 -13.27
CA GLY A 55 -17.39 26.66 -12.36
C GLY A 55 -16.65 27.11 -11.12
N PHE A 56 -15.31 27.01 -11.08
CA PHE A 56 -14.54 27.42 -9.91
C PHE A 56 -13.79 28.72 -10.15
N LYS A 57 -13.64 29.57 -9.12
CA LYS A 57 -12.90 30.84 -9.29
C LYS A 57 -11.68 30.86 -8.37
N MET A 58 -10.48 31.09 -8.93
CA MET A 58 -9.26 31.08 -8.13
C MET A 58 -8.88 32.48 -7.54
N ASN A 59 -9.39 33.59 -8.12
CA ASN A 59 -9.21 34.97 -7.63
C ASN A 59 -7.75 35.50 -7.46
N TYR A 60 -6.73 34.90 -8.13
CA TYR A 60 -5.31 35.26 -7.99
C TYR A 60 -4.91 35.09 -6.51
N GLN A 61 -4.99 33.86 -6.01
CA GLN A 61 -4.75 33.59 -4.60
C GLN A 61 -3.42 32.85 -4.30
N VAL A 62 -2.56 33.50 -3.49
CA VAL A 62 -1.30 32.93 -3.02
C VAL A 62 -1.53 32.40 -1.61
N ASN A 63 -2.40 31.39 -1.48
CA ASN A 63 -2.74 30.85 -0.17
C ASN A 63 -2.65 29.32 -0.11
N GLY A 64 -1.59 28.76 -0.68
CA GLY A 64 -1.30 27.33 -0.62
C GLY A 64 -2.06 26.39 -1.54
N TYR A 65 -3.00 26.88 -2.34
CA TYR A 65 -3.77 26.03 -3.26
C TYR A 65 -3.65 26.61 -4.70
N PRO A 66 -2.48 26.47 -5.36
CA PRO A 66 -2.31 27.13 -6.68
C PRO A 66 -3.05 26.52 -7.86
N ASN A 67 -3.43 25.26 -7.75
CA ASN A 67 -4.10 24.55 -8.82
C ASN A 67 -4.86 23.33 -8.23
N MET A 68 -6.08 23.06 -8.72
CA MET A 68 -6.85 21.88 -8.33
C MET A 68 -6.14 20.58 -8.83
N PHE A 69 -5.43 20.69 -9.97
CA PHE A 69 -4.67 19.64 -10.62
C PHE A 69 -3.23 19.64 -10.16
N ILE A 70 -2.65 18.45 -10.10
CA ILE A 70 -1.28 18.25 -9.63
C ILE A 70 -0.43 17.46 -10.63
N THR A 71 0.89 17.54 -10.49
CA THR A 71 1.84 16.81 -11.33
C THR A 71 1.84 15.31 -10.99
N ARG A 72 2.41 14.48 -11.89
CA ARG A 72 2.59 13.06 -11.66
C ARG A 72 3.50 12.84 -10.44
N GLU A 73 4.53 13.70 -10.27
CA GLU A 73 5.43 13.58 -9.11
C GLU A 73 4.71 13.94 -7.79
N GLU A 74 3.84 14.98 -7.79
CA GLU A 74 3.07 15.30 -6.59
C GLU A 74 2.07 14.17 -6.30
N ALA A 75 1.45 13.57 -7.34
CA ALA A 75 0.51 12.45 -7.17
C ALA A 75 1.19 11.23 -6.52
N ILE A 76 2.41 10.90 -6.96
CA ILE A 76 3.19 9.77 -6.44
C ILE A 76 3.51 9.98 -4.96
N ARG A 77 3.92 11.21 -4.57
CA ARG A 77 4.20 11.47 -3.16
C ARG A 77 2.94 11.34 -2.28
N HIS A 78 1.75 11.48 -2.88
CA HIS A 78 0.48 11.44 -2.19
C HIS A 78 -0.37 10.24 -2.63
N VAL A 79 0.27 9.10 -2.98
CA VAL A 79 -0.45 7.89 -3.41
C VAL A 79 -1.50 7.39 -2.37
N ARG A 80 -1.28 7.62 -1.06
CA ARG A 80 -2.26 7.19 -0.05
C ARG A 80 -3.62 7.90 -0.17
N ALA A 81 -3.61 9.12 -0.76
CA ALA A 81 -4.81 9.95 -1.02
C ALA A 81 -5.54 9.54 -2.30
N TRP A 82 -5.00 8.58 -3.11
CA TRP A 82 -5.63 8.30 -4.40
C TRP A 82 -6.99 7.64 -4.31
N ILE A 83 -7.99 8.32 -4.88
CA ILE A 83 -9.36 7.84 -4.99
C ILE A 83 -9.74 7.97 -6.45
N GLY A 84 -9.90 6.84 -7.12
CA GLY A 84 -10.37 6.79 -8.49
C GLY A 84 -11.79 7.31 -8.54
N PHE A 85 -12.11 8.05 -9.59
CA PHE A 85 -13.42 8.68 -9.71
C PHE A 85 -13.87 8.77 -11.17
N ASP A 86 -15.09 8.30 -11.44
CA ASP A 86 -15.66 8.32 -12.78
C ASP A 86 -17.13 8.71 -12.69
N VAL A 87 -17.63 9.42 -13.69
CA VAL A 87 -19.05 9.81 -13.75
C VAL A 87 -19.60 9.37 -15.10
N GLU A 88 -20.74 8.68 -15.07
CA GLU A 88 -21.38 8.22 -16.30
C GLU A 88 -22.80 8.75 -16.39
N GLY A 89 -23.22 9.15 -17.59
CA GLY A 89 -24.58 9.60 -17.82
C GLY A 89 -25.50 8.40 -17.73
N CYS A 90 -26.54 8.47 -16.89
CA CYS A 90 -27.46 7.34 -16.71
C CYS A 90 -28.44 7.14 -17.89
N HIS A 91 -28.60 8.15 -18.74
CA HIS A 91 -29.49 8.03 -19.90
C HIS A 91 -29.03 8.88 -21.10
N GLY A 98 -26.84 17.18 -20.70
CA GLY A 98 -26.89 17.08 -19.24
C GLY A 98 -28.11 17.73 -18.65
N THR A 99 -27.88 18.75 -17.79
CA THR A 99 -28.88 19.58 -17.09
C THR A 99 -29.84 18.71 -16.21
N ASN A 100 -30.87 18.03 -16.81
CA ASN A 100 -31.80 17.17 -16.07
C ASN A 100 -31.56 15.69 -16.42
N LEU A 101 -30.29 15.32 -16.53
CA LEU A 101 -29.82 13.97 -16.85
C LEU A 101 -29.21 13.39 -15.55
N PRO A 102 -29.73 12.24 -15.08
CA PRO A 102 -29.14 11.63 -13.86
C PRO A 102 -27.71 11.11 -14.07
N LEU A 103 -26.83 11.30 -13.09
CA LEU A 103 -25.43 10.88 -13.21
C LEU A 103 -25.09 9.76 -12.22
N GLN A 104 -24.24 8.80 -12.63
CA GLN A 104 -23.79 7.75 -11.76
C GLN A 104 -22.34 8.06 -11.43
N LEU A 105 -22.09 8.34 -10.17
CA LEU A 105 -20.79 8.72 -9.62
C LEU A 105 -20.19 7.44 -9.08
N GLY A 106 -19.02 7.08 -9.57
CA GLY A 106 -18.35 5.87 -9.17
C GLY A 106 -17.01 6.20 -8.55
N PHE A 107 -16.65 5.44 -7.51
CA PHE A 107 -15.41 5.63 -6.77
C PHE A 107 -14.62 4.32 -6.67
N SER A 108 -13.28 4.42 -6.57
CA SER A 108 -12.47 3.19 -6.48
C SER A 108 -12.70 2.40 -5.14
N THR A 109 -13.47 2.97 -4.18
CA THR A 109 -13.92 2.26 -2.99
C THR A 109 -15.03 1.21 -3.37
N GLY A 110 -15.47 1.17 -4.64
CA GLY A 110 -16.52 0.29 -5.14
C GLY A 110 -17.92 0.88 -5.03
N VAL A 111 -18.03 2.10 -4.51
CA VAL A 111 -19.31 2.77 -4.34
C VAL A 111 -19.84 3.45 -5.61
N ASN A 112 -21.14 3.24 -5.94
CA ASN A 112 -21.82 3.95 -7.03
C ASN A 112 -23.00 4.70 -6.44
N LEU A 113 -23.00 6.03 -6.56
CA LEU A 113 -24.08 6.90 -6.12
C LEU A 113 -24.77 7.48 -7.35
N VAL A 114 -26.10 7.57 -7.34
CA VAL A 114 -26.83 8.18 -8.44
C VAL A 114 -27.34 9.55 -8.00
N ALA A 115 -26.91 10.62 -8.71
CA ALA A 115 -27.32 11.99 -8.45
C ALA A 115 -28.35 12.44 -9.46
N VAL A 116 -29.53 12.85 -8.99
CA VAL A 116 -30.58 13.37 -9.86
C VAL A 116 -30.66 14.92 -9.72
N PRO A 117 -31.00 15.63 -10.80
CA PRO A 117 -31.06 17.10 -10.70
C PRO A 117 -32.45 17.65 -10.45
N THR A 118 -33.35 16.84 -9.85
CA THR A 118 -34.75 17.21 -9.59
C THR A 118 -34.91 18.53 -8.81
N PRO A 147 -18.94 -2.89 -5.55
CA PRO A 147 -20.06 -3.01 -6.49
C PRO A 147 -21.40 -2.61 -5.86
N LEU A 148 -21.37 -1.69 -4.87
CA LEU A 148 -22.59 -1.25 -4.18
C LEU A 148 -23.31 -0.14 -4.98
N MET A 149 -24.55 -0.40 -5.42
CA MET A 149 -25.36 0.53 -6.21
C MET A 149 -26.40 1.23 -5.34
N TYR A 150 -26.48 2.57 -5.45
CA TYR A 150 -27.48 3.33 -4.67
C TYR A 150 -28.47 4.03 -5.59
N LYS A 151 -29.76 4.08 -5.21
CA LYS A 151 -30.80 4.71 -6.02
C LYS A 151 -30.67 6.23 -6.06
N GLY A 152 -31.14 6.84 -7.16
CA GLY A 152 -31.08 8.27 -7.46
C GLY A 152 -31.58 9.21 -6.38
N LEU A 153 -30.74 10.18 -6.00
CA LEU A 153 -31.05 11.15 -4.96
C LEU A 153 -30.50 12.53 -5.32
N PRO A 154 -31.13 13.63 -4.84
CA PRO A 154 -30.61 14.95 -5.16
C PRO A 154 -29.20 15.20 -4.61
N TRP A 155 -28.49 16.12 -5.23
CA TRP A 155 -27.12 16.50 -4.88
C TRP A 155 -26.90 16.90 -3.41
N ASN A 156 -27.90 17.57 -2.79
CA ASN A 156 -27.78 18.00 -1.40
C ASN A 156 -27.55 16.83 -0.45
N VAL A 157 -28.06 15.63 -0.78
CA VAL A 157 -27.85 14.46 0.08
C VAL A 157 -26.67 13.62 -0.45
N VAL A 158 -26.45 13.59 -1.77
CA VAL A 158 -25.32 12.87 -2.37
C VAL A 158 -23.98 13.42 -1.80
N ARG A 159 -23.84 14.76 -1.73
CA ARG A 159 -22.64 15.40 -1.21
C ARG A 159 -22.31 14.97 0.25
N ILE A 160 -23.32 14.79 1.11
CA ILE A 160 -23.12 14.29 2.49
C ILE A 160 -22.50 12.87 2.48
N LYS A 161 -23.02 11.98 1.61
CA LYS A 161 -22.50 10.62 1.49
C LYS A 161 -21.05 10.63 1.02
N ILE A 162 -20.73 11.53 0.05
CA ILE A 162 -19.39 11.65 -0.51
C ILE A 162 -18.40 12.03 0.58
N VAL A 163 -18.71 13.07 1.36
CA VAL A 163 -17.86 13.48 2.47
C VAL A 163 -17.67 12.31 3.51
N GLN A 164 -18.76 11.63 3.95
CA GLN A 164 -18.68 10.49 4.89
C GLN A 164 -17.73 9.40 4.34
N MET A 165 -17.92 8.99 3.08
CA MET A 165 -17.16 7.92 2.43
C MET A 165 -15.66 8.24 2.34
N LEU A 166 -15.31 9.45 1.81
CA LEU A 166 -13.93 9.91 1.69
C LEU A 166 -13.26 10.02 3.09
N SER A 167 -13.98 10.60 4.06
CA SER A 167 -13.45 10.74 5.42
C SER A 167 -13.15 9.35 6.04
N ASP A 168 -14.05 8.37 5.87
CA ASP A 168 -13.83 7.04 6.46
C ASP A 168 -12.69 6.31 5.77
N THR A 169 -12.57 6.49 4.44
CA THR A 169 -11.52 5.82 3.68
C THR A 169 -10.15 6.40 3.94
N LEU A 170 -10.05 7.74 4.03
CA LEU A 170 -8.78 8.47 4.10
C LEU A 170 -8.25 8.96 5.46
N LYS A 171 -9.08 9.04 6.52
CA LYS A 171 -8.61 9.60 7.80
C LYS A 171 -7.33 8.93 8.36
N ASN A 172 -7.16 7.63 8.16
CA ASN A 172 -5.95 6.94 8.65
C ASN A 172 -4.88 6.78 7.55
N LEU A 173 -5.07 7.39 6.37
CA LEU A 173 -4.17 7.28 5.24
C LEU A 173 -3.43 8.57 4.87
N SER A 174 -4.18 9.69 4.73
CA SER A 174 -3.60 10.90 4.18
C SER A 174 -4.23 12.19 4.70
N ASP A 175 -3.53 13.31 4.52
CA ASP A 175 -4.07 14.62 4.91
C ASP A 175 -4.94 15.24 3.77
N ARG A 176 -5.20 14.50 2.68
CA ARG A 176 -5.94 15.04 1.54
C ARG A 176 -6.61 13.92 0.72
N VAL A 177 -7.25 14.31 -0.41
CA VAL A 177 -7.81 13.43 -1.41
C VAL A 177 -7.22 13.82 -2.78
N VAL A 178 -6.82 12.83 -3.58
CA VAL A 178 -6.35 12.98 -4.96
C VAL A 178 -7.30 12.17 -5.84
N PHE A 179 -8.23 12.83 -6.53
CA PHE A 179 -9.15 12.18 -7.45
C PHE A 179 -8.42 11.77 -8.74
N VAL A 180 -8.33 10.47 -8.96
CA VAL A 180 -7.65 9.92 -10.12
C VAL A 180 -8.70 9.70 -11.21
N LEU A 181 -8.51 10.43 -12.32
CA LEU A 181 -9.47 10.44 -13.42
C LEU A 181 -8.96 9.91 -14.77
N TRP A 182 -9.90 9.45 -15.58
CA TRP A 182 -9.71 9.17 -16.99
C TRP A 182 -10.81 10.08 -17.61
N ALA A 183 -10.50 11.39 -17.61
CA ALA A 183 -11.44 12.45 -17.87
C ALA A 183 -12.08 12.46 -19.26
N HIS A 184 -13.41 12.39 -19.26
CA HIS A 184 -14.22 12.49 -20.47
C HIS A 184 -15.22 13.66 -20.42
N GLY A 185 -15.36 14.34 -19.27
CA GLY A 185 -16.23 15.52 -19.19
C GLY A 185 -17.17 15.59 -18.00
N PHE A 186 -18.12 14.64 -17.88
CA PHE A 186 -19.10 14.67 -16.80
C PHE A 186 -18.49 14.69 -15.39
N GLU A 187 -17.31 14.05 -15.19
CA GLU A 187 -16.69 14.04 -13.86
C GLU A 187 -16.20 15.43 -13.45
N LEU A 188 -15.59 16.17 -14.38
CA LEU A 188 -15.11 17.53 -14.14
C LEU A 188 -16.26 18.49 -13.92
N THR A 189 -17.33 18.37 -14.72
CA THR A 189 -18.48 19.25 -14.58
C THR A 189 -19.38 18.90 -13.37
N SER A 190 -19.25 17.69 -12.80
CA SER A 190 -20.03 17.36 -11.60
C SER A 190 -19.35 17.89 -10.31
N MET A 191 -18.06 18.29 -10.38
CA MET A 191 -17.32 18.68 -9.19
C MET A 191 -17.92 19.85 -8.42
N LYS A 192 -18.46 20.84 -9.12
CA LYS A 192 -19.08 22.02 -8.51
C LYS A 192 -20.24 21.68 -7.57
N TYR A 193 -20.86 20.50 -7.74
CA TYR A 193 -21.98 20.10 -6.90
C TYR A 193 -21.58 19.53 -5.54
N PHE A 194 -20.29 19.19 -5.32
CA PHE A 194 -19.87 18.60 -4.03
C PHE A 194 -18.52 19.11 -3.53
N VAL A 195 -17.89 20.05 -4.25
CA VAL A 195 -16.57 20.59 -3.97
C VAL A 195 -16.61 22.11 -3.78
N LYS A 196 -15.89 22.58 -2.76
CA LYS A 196 -15.68 24.00 -2.53
C LYS A 196 -14.17 24.21 -2.44
N ILE A 197 -13.71 25.37 -2.93
CA ILE A 197 -12.29 25.70 -2.92
C ILE A 197 -12.03 27.07 -2.27
N GLY A 198 -10.79 27.29 -1.89
CA GLY A 198 -10.38 28.57 -1.31
C GLY A 198 -8.97 28.46 -0.78
N PRO A 199 -8.62 29.34 0.16
CA PRO A 199 -7.28 29.26 0.77
C PRO A 199 -7.11 27.98 1.59
N GLU A 200 -5.86 27.55 1.79
CA GLU A 200 -5.57 26.41 2.65
C GLU A 200 -5.97 26.76 4.09
N ARG A 201 -6.68 25.85 4.74
CA ARG A 201 -7.19 26.09 6.09
C ARG A 201 -6.86 24.95 7.05
N THR A 202 -7.07 25.18 8.34
CA THR A 202 -6.90 24.13 9.34
C THR A 202 -8.28 23.71 9.86
N CYS A 203 -8.33 22.52 10.45
CA CYS A 203 -9.54 21.97 11.03
C CYS A 203 -10.04 22.83 12.21
N CYS A 204 -11.36 22.88 12.44
CA CYS A 204 -11.93 23.64 13.55
C CYS A 204 -11.65 22.97 14.90
N LEU A 205 -11.49 21.63 14.91
CA LEU A 205 -11.27 20.86 16.12
C LEU A 205 -9.80 20.43 16.34
N CYS A 206 -8.94 20.48 15.29
CA CYS A 206 -7.53 20.10 15.47
C CYS A 206 -6.56 20.90 14.55
N ASP A 207 -5.26 20.54 14.54
CA ASP A 207 -4.23 21.23 13.76
C ASP A 207 -4.03 20.70 12.34
N ARG A 208 -4.75 19.63 11.94
CA ARG A 208 -4.62 19.09 10.59
C ARG A 208 -5.23 20.02 9.52
N ARG A 209 -4.79 19.92 8.26
CA ARG A 209 -5.37 20.75 7.20
C ARG A 209 -6.82 20.34 6.95
N ALA A 210 -7.66 21.32 6.61
CA ALA A 210 -9.07 21.12 6.33
C ALA A 210 -9.23 20.38 4.99
N THR A 211 -10.11 19.39 5.01
CA THR A 211 -10.47 18.61 3.84
C THR A 211 -11.97 18.70 3.50
N CYS A 212 -12.77 19.24 4.42
CA CYS A 212 -14.21 19.31 4.29
C CYS A 212 -14.72 20.67 4.77
N PHE A 213 -15.90 21.05 4.31
CA PHE A 213 -16.54 22.28 4.72
C PHE A 213 -18.00 21.99 5.02
N SER A 214 -18.57 22.73 5.98
CA SER A 214 -19.98 22.57 6.29
C SER A 214 -20.73 23.87 6.02
N THR A 215 -21.78 23.81 5.17
CA THR A 215 -22.64 24.98 4.94
C THR A 215 -23.54 25.25 6.15
N ALA A 216 -23.88 24.20 6.92
CA ALA A 216 -24.72 24.33 8.11
C ALA A 216 -24.06 25.21 9.17
N SER A 217 -22.78 24.92 9.52
CA SER A 217 -22.06 25.69 10.55
C SER A 217 -21.08 26.76 10.02
N ASP A 218 -20.79 26.80 8.70
CA ASP A 218 -19.80 27.72 8.12
C ASP A 218 -18.37 27.42 8.69
N THR A 219 -18.09 26.14 8.95
CA THR A 219 -16.81 25.71 9.52
C THR A 219 -16.07 24.69 8.62
N TYR A 220 -14.80 24.38 8.97
CA TYR A 220 -13.92 23.49 8.24
C TYR A 220 -13.42 22.37 9.14
N ALA A 221 -13.16 21.21 8.55
CA ALA A 221 -12.69 20.06 9.30
C ALA A 221 -11.78 19.18 8.47
N CYS A 222 -10.91 18.40 9.16
CA CYS A 222 -10.06 17.38 8.55
C CYS A 222 -10.92 16.10 8.32
N TRP A 223 -10.32 14.98 7.80
CA TRP A 223 -11.08 13.74 7.63
C TRP A 223 -11.57 13.15 8.98
N HIS A 224 -10.87 13.45 10.11
CA HIS A 224 -11.26 12.92 11.43
C HIS A 224 -12.44 13.63 12.09
N HIS A 225 -12.71 14.91 11.73
CA HIS A 225 -13.75 15.70 12.42
C HIS A 225 -14.86 16.20 11.53
N SER A 226 -15.09 15.53 10.41
CA SER A 226 -16.05 15.98 9.42
C SER A 226 -17.45 15.37 9.47
N ILE A 227 -17.86 14.74 10.57
CA ILE A 227 -19.21 14.15 10.66
C ILE A 227 -20.28 15.23 10.49
N GLY A 228 -21.22 15.00 9.57
CA GLY A 228 -22.23 16.01 9.26
C GLY A 228 -21.80 17.04 8.23
N PHE A 229 -20.53 17.00 7.76
CA PHE A 229 -20.05 17.96 6.75
C PHE A 229 -20.59 17.60 5.35
N ASP A 230 -20.87 18.62 4.52
CA ASP A 230 -21.49 18.40 3.21
C ASP A 230 -20.59 18.73 1.99
N TYR A 231 -19.47 19.45 2.16
CA TYR A 231 -18.60 19.72 1.01
C TYR A 231 -17.18 19.20 1.13
N VAL A 232 -16.64 18.66 0.04
CA VAL A 232 -15.23 18.30 -0.03
C VAL A 232 -14.52 19.65 -0.24
N TYR A 233 -13.50 19.93 0.54
CA TYR A 233 -12.78 21.21 0.48
C TYR A 233 -11.35 21.02 0.00
N ASN A 234 -10.93 21.84 -0.99
CA ASN A 234 -9.59 21.84 -1.61
C ASN A 234 -9.08 20.42 -1.97
N PRO A 235 -9.88 19.62 -2.69
CA PRO A 235 -9.37 18.32 -3.13
C PRO A 235 -8.35 18.51 -4.27
N PHE A 236 -7.61 17.45 -4.58
CA PHE A 236 -6.67 17.48 -5.70
C PHE A 236 -7.13 16.45 -6.73
N MET A 237 -6.60 16.53 -7.93
CA MET A 237 -6.98 15.66 -9.02
C MET A 237 -5.91 15.57 -10.08
N ILE A 238 -5.92 14.46 -10.80
CA ILE A 238 -5.00 14.20 -11.87
C ILE A 238 -5.72 13.42 -12.95
N ASP A 239 -5.52 13.82 -14.21
CA ASP A 239 -6.12 13.16 -15.35
C ASP A 239 -5.05 12.34 -16.04
N VAL A 240 -5.18 11.01 -15.90
CA VAL A 240 -4.32 9.95 -16.45
C VAL A 240 -4.27 10.05 -17.99
N GLN A 241 -5.36 10.50 -18.65
CA GLN A 241 -5.34 10.69 -20.10
C GLN A 241 -4.27 11.69 -20.52
N GLN A 242 -3.87 12.62 -19.63
CA GLN A 242 -2.84 13.62 -19.96
C GLN A 242 -1.44 13.03 -20.15
N TRP A 243 -1.24 11.78 -19.75
CA TRP A 243 0.06 11.13 -19.77
C TRP A 243 0.47 10.56 -21.14
N GLY A 244 -0.46 10.47 -22.07
CA GLY A 244 -0.15 10.01 -23.41
C GLY A 244 -0.48 8.55 -23.60
N PHE A 245 -1.71 8.29 -24.04
CA PHE A 245 -2.16 6.92 -24.22
C PHE A 245 -2.90 6.80 -25.52
N THR A 246 -2.83 5.62 -26.10
CA THR A 246 -3.58 5.30 -27.30
C THR A 246 -4.70 4.38 -26.88
N GLY A 247 -5.90 4.64 -27.38
CA GLY A 247 -7.04 3.80 -27.05
C GLY A 247 -7.68 4.16 -25.72
N ASN A 248 -8.79 3.48 -25.42
CA ASN A 248 -9.58 3.76 -24.25
C ASN A 248 -8.98 3.21 -22.93
N LEU A 249 -9.65 3.52 -21.83
CA LEU A 249 -9.23 3.08 -20.50
C LEU A 249 -9.13 1.55 -20.40
N GLN A 250 -10.19 0.83 -20.81
CA GLN A 250 -10.19 -0.63 -20.69
C GLN A 250 -9.05 -1.29 -21.45
N SER A 251 -8.75 -0.84 -22.69
CA SER A 251 -7.65 -1.41 -23.47
C SER A 251 -6.26 -1.14 -22.85
N ASN A 252 -6.05 0.02 -22.21
CA ASN A 252 -4.77 0.26 -21.53
C ASN A 252 -4.67 -0.51 -20.19
N HIS A 253 -5.77 -0.54 -19.42
CA HIS A 253 -5.82 -1.25 -18.14
C HIS A 253 -5.61 -2.77 -18.33
N ASP A 254 -6.33 -3.38 -19.30
CA ASP A 254 -6.29 -4.82 -19.56
C ASP A 254 -4.95 -5.35 -20.05
N LEU A 255 -4.05 -4.47 -20.53
CA LEU A 255 -2.71 -4.88 -20.94
C LEU A 255 -1.87 -5.37 -19.75
N TYR A 256 -2.17 -4.89 -18.53
CA TYR A 256 -1.40 -5.17 -17.33
C TYR A 256 -2.19 -5.85 -16.21
N CYS A 257 -3.54 -5.92 -16.32
CA CYS A 257 -4.36 -6.43 -15.24
C CYS A 257 -5.56 -7.25 -15.69
N GLN A 258 -5.71 -8.42 -15.08
CA GLN A 258 -6.82 -9.37 -15.32
C GLN A 258 -7.79 -9.46 -14.12
N VAL A 259 -7.44 -8.85 -12.99
CA VAL A 259 -8.22 -8.92 -11.76
C VAL A 259 -9.45 -8.00 -11.80
N HIS A 260 -9.31 -6.79 -12.35
CA HIS A 260 -10.42 -5.86 -12.44
C HIS A 260 -11.12 -6.03 -13.77
N GLY A 261 -12.42 -6.27 -13.69
CA GLY A 261 -13.23 -6.42 -14.89
C GLY A 261 -14.04 -5.19 -15.20
N ASN A 262 -14.76 -5.20 -16.32
CA ASN A 262 -15.60 -4.07 -16.68
C ASN A 262 -17.06 -4.46 -16.62
N ALA A 263 -17.66 -4.39 -15.42
CA ALA A 263 -19.09 -4.70 -15.29
C ALA A 263 -20.00 -3.59 -15.84
N HIS A 264 -19.43 -2.59 -16.56
CA HIS A 264 -20.07 -1.45 -17.20
C HIS A 264 -20.73 -0.47 -16.22
N VAL A 265 -20.13 -0.29 -15.03
CA VAL A 265 -20.59 0.70 -14.06
C VAL A 265 -19.44 1.66 -13.71
N ALA A 266 -19.79 2.85 -13.23
CA ALA A 266 -18.80 3.89 -12.93
C ALA A 266 -17.68 3.48 -11.94
N SER A 267 -18.00 2.71 -10.89
CA SER A 267 -16.97 2.26 -9.93
C SER A 267 -15.95 1.35 -10.62
N CYS A 268 -16.38 0.52 -11.61
CA CYS A 268 -15.44 -0.34 -12.35
C CYS A 268 -14.40 0.51 -13.09
N ASP A 269 -14.87 1.57 -13.75
CA ASP A 269 -14.01 2.50 -14.47
C ASP A 269 -13.07 3.22 -13.47
N ALA A 270 -13.59 3.64 -12.30
CA ALA A 270 -12.85 4.33 -11.22
C ALA A 270 -11.68 3.46 -10.71
N ILE A 271 -11.96 2.16 -10.49
CA ILE A 271 -11.01 1.15 -10.03
C ILE A 271 -9.94 0.94 -11.11
N MET A 272 -10.36 0.77 -12.38
CA MET A 272 -9.43 0.57 -13.49
C MET A 272 -8.47 1.77 -13.65
N THR A 273 -8.99 2.99 -13.50
CA THR A 273 -8.22 4.24 -13.65
C THR A 273 -7.10 4.29 -12.60
N ARG A 274 -7.47 4.09 -11.31
CA ARG A 274 -6.51 4.09 -10.21
C ARG A 274 -5.50 2.94 -10.41
N CYS A 275 -5.96 1.73 -10.82
CA CYS A 275 -5.09 0.58 -11.08
C CYS A 275 -4.05 0.95 -12.17
N LEU A 276 -4.52 1.49 -13.31
CA LEU A 276 -3.66 1.93 -14.42
C LEU A 276 -2.63 2.94 -13.91
N ALA A 277 -3.06 3.92 -13.08
CA ALA A 277 -2.16 4.91 -12.51
C ALA A 277 -1.11 4.24 -11.61
N VAL A 278 -1.50 3.26 -10.76
CA VAL A 278 -0.55 2.56 -9.91
C VAL A 278 0.48 1.80 -10.78
N HIS A 279 0.02 1.14 -11.85
CA HIS A 279 0.94 0.41 -12.74
C HIS A 279 2.02 1.34 -13.34
N GLU A 280 1.61 2.50 -13.84
CA GLU A 280 2.49 3.48 -14.47
C GLU A 280 3.51 4.07 -13.50
N CYS A 281 3.09 4.29 -12.25
CA CYS A 281 3.88 5.00 -11.25
C CYS A 281 4.67 4.11 -10.30
N PHE A 282 4.29 2.84 -10.14
CA PHE A 282 4.92 1.95 -9.15
C PHE A 282 5.31 0.58 -9.69
N VAL A 283 4.81 0.21 -10.88
CA VAL A 283 5.15 -1.08 -11.47
C VAL A 283 6.17 -0.89 -12.61
N LYS A 284 5.78 -0.22 -13.71
CA LYS A 284 6.67 0.02 -14.83
C LYS A 284 7.76 1.09 -14.55
N ARG A 285 7.55 1.89 -13.49
CA ARG A 285 8.48 2.92 -13.05
C ARG A 285 8.57 2.77 -11.53
N VAL A 286 9.78 2.64 -10.98
CA VAL A 286 9.93 2.47 -9.53
C VAL A 286 10.84 3.55 -8.97
N ASP A 287 10.43 4.18 -7.87
CA ASP A 287 11.25 5.20 -7.22
C ASP A 287 11.35 4.94 -5.73
N TRP A 288 12.48 4.36 -5.28
CA TRP A 288 12.67 4.09 -3.86
C TRP A 288 13.29 5.26 -3.07
N THR A 289 13.51 6.42 -3.71
CA THR A 289 14.05 7.59 -3.02
C THR A 289 12.96 8.38 -2.30
N ILE A 290 11.71 8.31 -2.80
CA ILE A 290 10.57 9.00 -2.18
C ILE A 290 10.25 8.41 -0.81
N GLU A 291 10.19 9.30 0.19
CA GLU A 291 9.89 9.00 1.57
C GLU A 291 8.41 9.29 1.83
N TYR A 292 7.75 8.45 2.61
CA TYR A 292 6.33 8.64 2.95
C TYR A 292 6.20 8.81 4.47
N PRO A 293 5.26 9.66 4.93
CA PRO A 293 5.11 9.87 6.40
C PRO A 293 4.71 8.63 7.21
N ILE A 294 4.98 8.68 8.53
CA ILE A 294 4.61 7.62 9.44
C ILE A 294 3.13 7.77 9.77
N ILE A 295 2.30 6.79 9.43
CA ILE A 295 0.86 6.85 9.72
C ILE A 295 0.35 5.73 10.64
N GLY A 296 1.22 4.79 10.98
CA GLY A 296 0.86 3.66 11.82
C GLY A 296 2.03 3.07 12.57
N ASP A 297 2.11 1.74 12.55
CA ASP A 297 3.12 0.96 13.29
C ASP A 297 4.39 0.64 12.50
N GLU A 298 4.73 1.47 11.51
CA GLU A 298 5.92 1.30 10.66
C GLU A 298 7.19 0.94 11.44
N LEU A 299 7.57 1.76 12.42
CA LEU A 299 8.79 1.54 13.18
C LEU A 299 8.82 0.18 13.92
N LYS A 300 7.71 -0.17 14.60
CA LYS A 300 7.56 -1.43 15.34
C LYS A 300 7.62 -2.61 14.39
N ILE A 301 6.95 -2.51 13.23
CA ILE A 301 6.93 -3.59 12.22
C ILE A 301 8.34 -3.84 11.68
N ASN A 302 9.05 -2.77 11.31
CA ASN A 302 10.40 -2.92 10.75
C ASN A 302 11.37 -3.52 11.80
N ALA A 303 11.27 -3.07 13.05
CA ALA A 303 12.09 -3.58 14.15
C ALA A 303 11.75 -5.06 14.44
N ALA A 304 10.46 -5.43 14.36
CA ALA A 304 10.03 -6.79 14.57
C ALA A 304 10.59 -7.67 13.45
N CYS A 305 10.53 -7.21 12.19
CA CYS A 305 11.06 -7.91 11.02
C CYS A 305 12.52 -8.28 11.20
N ARG A 306 13.34 -7.34 11.70
CA ARG A 306 14.76 -7.58 11.96
C ARG A 306 14.94 -8.62 13.10
N LYS A 307 14.12 -8.50 14.15
CA LYS A 307 14.19 -9.42 15.29
C LYS A 307 13.86 -10.86 14.88
N VAL A 308 12.76 -11.05 14.14
CA VAL A 308 12.28 -12.35 13.68
C VAL A 308 13.28 -12.97 12.72
N GLN A 309 13.87 -12.16 11.81
CA GLN A 309 14.88 -12.64 10.85
C GLN A 309 16.10 -13.20 11.55
N HIS A 310 16.63 -12.44 12.53
CA HIS A 310 17.77 -12.91 13.32
C HIS A 310 17.43 -14.22 14.09
N MET A 311 16.24 -14.30 14.68
CA MET A 311 15.79 -15.43 15.47
C MET A 311 15.69 -16.71 14.63
N VAL A 312 14.98 -16.61 13.50
CA VAL A 312 14.70 -17.74 12.64
C VAL A 312 15.95 -18.25 11.92
N VAL A 313 16.80 -17.36 11.43
CA VAL A 313 18.03 -17.75 10.75
C VAL A 313 19.01 -18.35 11.75
N LYS A 314 19.19 -17.69 12.90
CA LYS A 314 20.07 -18.20 13.96
C LYS A 314 19.68 -19.64 14.38
N ALA A 315 18.37 -19.89 14.53
CA ALA A 315 17.89 -21.22 14.94
C ALA A 315 18.04 -22.25 13.84
N ALA A 316 17.79 -21.88 12.57
CA ALA A 316 17.96 -22.82 11.46
C ALA A 316 19.42 -23.29 11.36
N LEU A 317 20.37 -22.34 11.48
CA LEU A 317 21.80 -22.68 11.45
C LEU A 317 22.18 -23.58 12.63
N LEU A 318 21.64 -23.34 13.83
CA LEU A 318 21.96 -24.18 14.99
C LEU A 318 21.36 -25.58 14.88
N ALA A 319 20.08 -25.67 14.43
CA ALA A 319 19.35 -26.92 14.34
C ALA A 319 19.82 -27.85 13.23
N ASP A 320 20.27 -27.28 12.08
CA ASP A 320 20.66 -28.13 10.95
C ASP A 320 22.13 -27.99 10.51
N LYS A 321 22.88 -27.06 11.13
CA LYS A 321 24.31 -26.85 10.89
C LYS A 321 24.70 -26.77 9.41
N PHE A 322 23.99 -25.96 8.63
CA PHE A 322 24.29 -25.79 7.21
C PHE A 322 25.68 -25.21 7.06
N PRO A 323 26.52 -25.80 6.19
CA PRO A 323 27.86 -25.22 5.99
C PRO A 323 27.84 -23.91 5.18
N VAL A 324 26.80 -23.69 4.36
CA VAL A 324 26.69 -22.47 3.52
C VAL A 324 25.26 -21.94 3.53
N LEU A 325 25.13 -20.61 3.53
CA LEU A 325 23.87 -19.89 3.45
C LEU A 325 23.89 -18.94 2.20
N HIS A 326 22.93 -19.11 1.28
CA HIS A 326 22.77 -18.30 0.07
C HIS A 326 21.73 -17.22 0.37
N ASP A 327 22.19 -15.99 0.60
CA ASP A 327 21.32 -14.86 0.95
C ASP A 327 20.89 -14.13 -0.34
N ILE A 328 19.65 -14.39 -0.77
CA ILE A 328 19.13 -13.84 -2.01
C ILE A 328 18.16 -12.70 -1.81
N GLY A 329 18.53 -11.53 -2.31
CA GLY A 329 17.66 -10.37 -2.20
C GLY A 329 18.39 -9.05 -2.18
N ASN A 330 17.89 -8.10 -1.37
CA ASN A 330 18.43 -6.74 -1.31
C ASN A 330 19.96 -6.62 -1.42
N PRO A 331 20.44 -5.87 -2.44
CA PRO A 331 21.89 -5.73 -2.60
C PRO A 331 22.59 -5.01 -1.45
N LYS A 332 21.84 -4.30 -0.58
CA LYS A 332 22.45 -3.68 0.60
C LYS A 332 22.28 -4.52 1.87
N ALA A 333 22.05 -5.85 1.74
CA ALA A 333 21.87 -6.71 2.90
C ALA A 333 23.14 -6.92 3.72
N ILE A 334 22.94 -6.95 5.03
CA ILE A 334 23.94 -7.20 6.07
C ILE A 334 23.66 -8.62 6.63
N LYS A 335 24.69 -9.36 7.12
CA LYS A 335 24.49 -10.70 7.72
C LYS A 335 23.54 -10.55 8.91
N CYS A 336 22.38 -11.21 8.90
CA CYS A 336 21.43 -11.08 10.01
C CYS A 336 21.87 -11.83 11.27
N VAL A 337 22.82 -12.79 11.16
CA VAL A 337 23.40 -13.55 12.29
C VAL A 337 24.93 -13.43 12.17
N PRO A 338 25.50 -12.25 12.56
CA PRO A 338 26.94 -12.02 12.33
C PRO A 338 27.92 -12.96 13.03
N GLN A 339 27.52 -13.63 14.13
CA GLN A 339 28.44 -14.52 14.82
C GLN A 339 28.41 -15.97 14.32
N ALA A 340 27.47 -16.33 13.41
CA ALA A 340 27.37 -17.69 12.88
C ALA A 340 28.63 -18.14 12.12
N ASP A 341 28.96 -19.45 12.21
CA ASP A 341 30.15 -20.02 11.59
C ASP A 341 30.07 -20.17 10.06
N VAL A 342 28.83 -20.26 9.56
CA VAL A 342 28.44 -20.50 8.19
C VAL A 342 29.14 -19.61 7.13
N GLU A 343 29.38 -20.19 5.95
CA GLU A 343 29.92 -19.43 4.84
C GLU A 343 28.72 -18.63 4.29
N TRP A 344 28.74 -17.32 4.48
CA TRP A 344 27.62 -16.47 4.07
C TRP A 344 27.89 -15.89 2.67
N LYS A 345 27.06 -16.24 1.68
CA LYS A 345 27.22 -15.74 0.30
C LYS A 345 25.99 -14.93 -0.10
N PHE A 346 26.19 -13.71 -0.57
CA PHE A 346 25.12 -12.80 -0.99
C PHE A 346 24.88 -12.77 -2.52
N TYR A 347 23.61 -12.65 -2.92
CA TYR A 347 23.18 -12.55 -4.32
C TYR A 347 22.22 -11.36 -4.39
N ASP A 348 22.45 -10.45 -5.34
CA ASP A 348 21.67 -9.22 -5.47
C ASP A 348 20.42 -9.40 -6.32
N ALA A 349 19.31 -8.97 -5.76
CA ALA A 349 18.05 -8.91 -6.45
C ALA A 349 17.23 -7.82 -5.78
N GLN A 350 16.85 -6.80 -6.53
CA GLN A 350 16.02 -5.72 -6.03
C GLN A 350 14.59 -6.25 -5.88
N PRO A 351 13.72 -5.59 -5.07
CA PRO A 351 12.35 -6.07 -4.93
C PRO A 351 11.60 -6.09 -6.27
N CYS A 352 10.99 -7.24 -6.62
CA CYS A 352 10.25 -7.32 -7.88
C CYS A 352 8.89 -6.64 -7.68
N SER A 353 8.57 -5.69 -8.55
CA SER A 353 7.32 -4.95 -8.43
C SER A 353 6.24 -5.39 -9.44
N ASP A 354 6.64 -6.16 -10.47
CA ASP A 354 5.70 -6.59 -11.50
C ASP A 354 5.30 -8.05 -11.26
N LYS A 355 6.08 -9.01 -11.78
CA LYS A 355 5.83 -10.43 -11.54
C LYS A 355 6.91 -10.96 -10.61
N ALA A 356 6.60 -12.06 -9.86
CA ALA A 356 7.60 -12.71 -9.01
C ALA A 356 8.76 -13.23 -9.87
N TYR A 357 9.98 -13.15 -9.37
CA TYR A 357 11.15 -13.65 -10.10
C TYR A 357 11.01 -15.14 -10.41
N LYS A 358 11.44 -15.56 -11.60
CA LYS A 358 11.43 -16.98 -11.92
C LYS A 358 12.69 -17.55 -11.24
N ILE A 359 12.55 -18.62 -10.43
CA ILE A 359 13.70 -19.22 -9.76
C ILE A 359 14.77 -19.68 -10.76
N GLU A 360 14.34 -20.12 -11.95
CA GLU A 360 15.25 -20.58 -12.99
C GLU A 360 16.19 -19.45 -13.47
N GLU A 361 15.70 -18.19 -13.50
CA GLU A 361 16.54 -17.06 -13.91
C GLU A 361 17.47 -16.59 -12.76
N LEU A 362 17.00 -16.61 -11.50
CA LEU A 362 17.83 -16.21 -10.38
C LEU A 362 18.99 -17.17 -10.15
N PHE A 363 18.75 -18.48 -10.36
CA PHE A 363 19.71 -19.54 -10.05
C PHE A 363 20.49 -20.14 -11.20
N TYR A 364 19.89 -20.25 -12.39
CA TYR A 364 20.57 -20.92 -13.49
C TYR A 364 21.18 -19.92 -14.51
N SER A 365 21.63 -20.41 -15.68
CA SER A 365 22.32 -19.63 -16.72
C SER A 365 23.80 -19.32 -16.33
N TYR A 366 24.39 -20.22 -15.49
CA TYR A 366 25.75 -20.20 -14.94
C TYR A 366 26.10 -18.90 -14.22
N HIS A 369 29.56 -16.87 -7.13
CA HIS A 369 28.45 -17.74 -6.78
C HIS A 369 28.94 -19.12 -6.43
N SER A 370 28.36 -19.73 -5.41
CA SER A 370 28.68 -21.12 -5.09
C SER A 370 28.23 -22.05 -6.26
N ASP A 371 27.20 -21.59 -7.05
CA ASP A 371 26.56 -22.26 -8.18
C ASP A 371 25.65 -23.38 -7.68
N LYS A 372 26.10 -24.10 -6.63
CA LYS A 372 25.32 -25.14 -6.00
C LYS A 372 24.42 -24.53 -4.93
N PHE A 373 23.30 -23.93 -5.36
CA PHE A 373 22.31 -23.40 -4.41
C PHE A 373 21.65 -24.52 -3.59
N THR A 374 21.72 -25.79 -4.08
CA THR A 374 21.24 -27.00 -3.45
C THR A 374 22.08 -27.37 -2.19
N ASP A 375 23.28 -26.78 -2.03
CA ASP A 375 24.15 -26.97 -0.87
C ASP A 375 23.71 -25.97 0.19
N GLY A 376 23.66 -26.42 1.43
CA GLY A 376 23.26 -25.57 2.55
C GLY A 376 21.84 -25.07 2.48
N VAL A 377 21.62 -23.80 2.82
CA VAL A 377 20.29 -23.24 2.87
C VAL A 377 20.16 -21.90 2.10
N CYS A 378 18.99 -21.64 1.54
CA CYS A 378 18.71 -20.41 0.81
C CYS A 378 17.83 -19.54 1.66
N LEU A 379 18.17 -18.27 1.79
CA LEU A 379 17.42 -17.30 2.56
C LEU A 379 16.78 -16.27 1.61
N PHE A 380 15.44 -16.25 1.55
CA PHE A 380 14.69 -15.29 0.70
C PHE A 380 13.85 -14.41 1.62
N TRP A 381 14.46 -13.33 2.12
CA TRP A 381 13.77 -12.43 3.03
C TRP A 381 13.19 -11.26 2.23
N ASN A 382 11.91 -11.39 1.92
CA ASN A 382 11.14 -10.51 1.06
C ASN A 382 11.71 -10.51 -0.35
N CYS A 383 12.21 -11.66 -0.84
CA CYS A 383 12.68 -11.77 -2.20
C CYS A 383 11.67 -12.70 -2.84
N ASN A 384 10.69 -12.13 -3.55
CA ASN A 384 9.55 -12.86 -4.06
C ASN A 384 9.82 -13.68 -5.31
N VAL A 385 9.79 -15.01 -5.18
CA VAL A 385 10.03 -15.90 -6.33
C VAL A 385 8.77 -16.74 -6.65
N ASP A 386 8.68 -17.26 -7.87
CA ASP A 386 7.54 -18.08 -8.30
C ASP A 386 7.44 -19.44 -7.53
N ARG A 387 8.57 -20.06 -7.22
CA ARG A 387 8.59 -21.36 -6.54
C ARG A 387 9.88 -21.50 -5.77
N TYR A 388 9.79 -21.46 -4.45
CA TYR A 388 10.96 -21.57 -3.61
C TYR A 388 11.57 -22.98 -3.60
N PRO A 389 12.91 -23.05 -3.60
CA PRO A 389 13.55 -24.39 -3.49
C PRO A 389 13.29 -25.02 -2.11
N ALA A 390 13.33 -26.35 -2.04
CA ALA A 390 13.08 -27.07 -0.79
C ALA A 390 13.96 -26.63 0.38
N ASN A 391 15.25 -26.30 0.14
CA ASN A 391 16.15 -25.91 1.24
C ASN A 391 16.08 -24.39 1.53
N SER A 392 14.87 -23.84 1.78
CA SER A 392 14.72 -22.40 1.99
C SER A 392 14.15 -21.96 3.34
N ILE A 393 14.48 -20.71 3.74
CA ILE A 393 13.97 -19.94 4.87
C ILE A 393 13.36 -18.72 4.16
N VAL A 394 12.03 -18.55 4.26
CA VAL A 394 11.33 -17.51 3.50
C VAL A 394 10.42 -16.60 4.31
N CYS A 395 10.49 -15.30 4.03
CA CYS A 395 9.55 -14.28 4.49
C CYS A 395 8.88 -13.69 3.22
N ARG A 396 7.57 -13.94 3.06
CA ARG A 396 6.79 -13.49 1.92
C ARG A 396 5.61 -12.65 2.39
N PHE A 397 5.57 -11.40 1.92
CA PHE A 397 4.48 -10.47 2.19
C PHE A 397 3.19 -10.96 1.51
N ASP A 398 2.12 -11.09 2.30
CA ASP A 398 0.80 -11.48 1.82
C ASP A 398 0.06 -10.19 1.44
N THR A 399 -0.10 -9.99 0.13
CA THR A 399 -0.73 -8.83 -0.52
C THR A 399 -2.21 -8.68 -0.14
N ARG A 400 -2.87 -9.79 0.24
CA ARG A 400 -4.29 -9.76 0.61
C ARG A 400 -4.56 -9.09 1.96
N VAL A 401 -3.53 -8.82 2.78
CA VAL A 401 -3.71 -8.26 4.13
C VAL A 401 -4.42 -6.90 4.13
N LEU A 402 -5.39 -6.71 5.04
CA LEU A 402 -6.08 -5.44 5.19
C LEU A 402 -5.37 -4.61 6.25
N SER A 403 -4.81 -3.45 5.86
CA SER A 403 -4.13 -2.51 6.75
C SER A 403 -3.97 -1.11 6.11
N ASN A 404 -3.70 -0.09 6.95
CA ASN A 404 -3.47 1.28 6.49
C ASN A 404 -2.14 1.42 5.71
N LEU A 405 -1.22 0.43 5.81
CA LEU A 405 0.04 0.48 5.06
C LEU A 405 -0.10 -0.14 3.66
N ASN A 406 -1.01 -1.10 3.51
CA ASN A 406 -1.22 -1.85 2.29
C ASN A 406 -2.38 -1.29 1.46
N LEU A 407 -2.05 -0.76 0.30
CA LEU A 407 -3.04 -0.20 -0.60
C LEU A 407 -3.32 -1.21 -1.73
N PRO A 408 -4.55 -1.23 -2.27
CA PRO A 408 -4.83 -2.10 -3.43
C PRO A 408 -3.92 -1.75 -4.63
N GLY A 409 -3.47 -2.79 -5.32
CA GLY A 409 -2.54 -2.63 -6.40
C GLY A 409 -3.02 -3.18 -7.73
N CYS A 410 -2.06 -3.47 -8.61
N CYS A 410 -2.06 -3.51 -8.59
CA CYS A 410 -2.28 -3.91 -9.98
CA CYS A 410 -2.31 -4.01 -9.94
C CYS A 410 -2.12 -5.44 -10.17
C CYS A 410 -2.21 -5.49 -10.07
N ASP A 411 -3.08 -6.06 -10.89
CA ASP A 411 -3.10 -7.47 -11.20
C ASP A 411 -3.00 -8.43 -9.98
N GLY A 412 -3.71 -8.10 -8.89
CA GLY A 412 -3.68 -8.92 -7.67
C GLY A 412 -2.65 -8.46 -6.66
N GLY A 413 -1.61 -7.76 -7.13
CA GLY A 413 -0.59 -7.20 -6.28
C GLY A 413 -1.12 -6.10 -5.39
N SER A 414 -0.29 -5.66 -4.46
CA SER A 414 -0.67 -4.58 -3.55
C SER A 414 0.48 -3.60 -3.43
N LEU A 415 0.17 -2.39 -2.99
CA LEU A 415 1.19 -1.36 -2.84
C LEU A 415 1.47 -1.21 -1.37
N TYR A 416 2.60 -1.75 -0.89
CA TYR A 416 2.92 -1.69 0.53
C TYR A 416 3.73 -0.46 0.79
N VAL A 417 3.18 0.47 1.57
CA VAL A 417 3.84 1.74 1.80
C VAL A 417 4.27 1.89 3.25
N ASN A 418 5.56 1.69 3.48
CA ASN A 418 6.17 1.77 4.81
C ASN A 418 7.53 2.39 4.54
N LYS A 419 7.66 3.70 4.84
CA LYS A 419 8.80 4.58 4.56
C LYS A 419 8.96 4.78 3.04
N HIS A 420 9.00 3.71 2.26
CA HIS A 420 9.07 3.75 0.81
C HIS A 420 7.89 2.93 0.23
N ALA A 421 7.57 3.16 -1.05
CA ALA A 421 6.46 2.43 -1.68
C ALA A 421 6.97 1.20 -2.44
N PHE A 422 6.40 0.03 -2.17
CA PHE A 422 6.79 -1.22 -2.82
C PHE A 422 5.59 -1.93 -3.40
N HIS A 423 5.43 -1.91 -4.74
CA HIS A 423 4.35 -2.68 -5.35
C HIS A 423 4.82 -4.15 -5.28
N THR A 424 3.98 -5.03 -4.77
CA THR A 424 4.35 -6.43 -4.51
C THR A 424 3.49 -7.35 -5.33
N PRO A 425 4.08 -8.30 -6.05
CA PRO A 425 3.26 -9.21 -6.87
C PRO A 425 2.31 -10.05 -6.03
N ALA A 426 1.15 -10.42 -6.60
CA ALA A 426 0.11 -11.17 -5.91
C ALA A 426 0.60 -12.37 -5.13
N PHE A 427 0.14 -12.49 -3.85
CA PHE A 427 0.45 -13.62 -2.99
C PHE A 427 -0.04 -14.92 -3.69
N ASP A 428 0.82 -15.92 -3.73
CA ASP A 428 0.52 -17.15 -4.45
C ASP A 428 0.91 -18.36 -3.57
N LYS A 429 -0.08 -19.09 -3.06
CA LYS A 429 0.17 -20.24 -2.17
C LYS A 429 1.03 -21.34 -2.80
N SER A 430 0.98 -21.50 -4.14
CA SER A 430 1.76 -22.51 -4.83
C SER A 430 3.28 -22.23 -4.80
N ALA A 431 3.70 -20.98 -4.53
CA ALA A 431 5.13 -20.66 -4.41
C ALA A 431 5.81 -21.46 -3.26
N PHE A 432 5.04 -21.86 -2.25
CA PHE A 432 5.51 -22.53 -1.04
C PHE A 432 5.29 -24.06 -1.00
N VAL A 433 5.02 -24.71 -2.15
CA VAL A 433 4.75 -26.16 -2.14
C VAL A 433 5.90 -27.02 -1.62
N ASN A 434 7.18 -26.62 -1.78
CA ASN A 434 8.30 -27.42 -1.27
C ASN A 434 8.62 -27.15 0.23
N LEU A 435 7.88 -26.23 0.86
CA LEU A 435 8.13 -25.81 2.23
C LEU A 435 6.88 -26.02 3.13
N LYS A 436 7.00 -25.64 4.40
CA LYS A 436 5.90 -25.66 5.35
C LYS A 436 5.85 -24.29 6.06
N GLN A 437 4.73 -23.97 6.69
CA GLN A 437 4.60 -22.77 7.51
C GLN A 437 5.56 -22.91 8.71
N LEU A 438 6.28 -21.83 9.01
CA LEU A 438 7.21 -21.82 10.12
C LEU A 438 6.40 -21.55 11.40
N PRO A 439 6.44 -22.48 12.37
CA PRO A 439 5.71 -22.24 13.63
C PRO A 439 6.40 -21.18 14.48
N PHE A 440 5.62 -20.55 15.38
CA PHE A 440 6.19 -19.63 16.35
C PHE A 440 7.07 -20.44 17.34
N PHE A 441 8.18 -19.83 17.73
CA PHE A 441 9.06 -20.35 18.79
C PHE A 441 9.97 -19.17 19.19
N TYR A 442 10.52 -19.24 20.39
CA TYR A 442 11.48 -18.26 20.86
C TYR A 442 12.71 -19.07 21.27
N TYR A 443 13.91 -18.67 20.82
CA TYR A 443 15.13 -19.40 21.23
C TYR A 443 16.09 -18.40 21.85
N SER A 444 16.83 -18.81 22.88
CA SER A 444 17.85 -17.96 23.47
C SER A 444 18.88 -18.77 24.22
N ASP A 445 20.14 -18.46 23.94
CA ASP A 445 21.27 -19.05 24.63
C ASP A 445 21.96 -18.03 25.58
N SER A 446 21.34 -16.85 25.81
CA SER A 446 21.91 -15.83 26.68
C SER A 446 21.78 -16.24 28.16
N PRO A 447 22.67 -15.72 29.04
CA PRO A 447 22.59 -16.12 30.46
C PRO A 447 21.28 -15.78 31.14
N CYS A 448 20.85 -16.65 32.05
CA CYS A 448 19.64 -16.44 32.84
C CYS A 448 20.04 -15.47 33.94
N GLU A 449 19.78 -14.18 33.73
CA GLU A 449 20.16 -13.14 34.67
C GLU A 449 19.25 -11.92 34.44
N SER A 450 18.52 -11.49 35.48
CA SER A 450 17.56 -10.39 35.41
C SER A 450 18.14 -9.01 35.02
N HIS A 451 18.95 -8.37 35.89
CA HIS A 451 19.54 -7.05 35.62
C HIS A 451 18.52 -5.94 35.32
N GLY A 452 18.32 -5.05 36.29
CA GLY A 452 17.39 -3.94 36.14
C GLY A 452 16.34 -3.83 37.23
N ILE A 459 7.25 -2.97 35.22
CA ILE A 459 7.45 -4.28 34.61
C ILE A 459 7.32 -5.38 35.66
N ASP A 460 6.09 -5.77 36.01
CA ASP A 460 5.88 -6.81 37.02
C ASP A 460 5.94 -8.24 36.42
N TYR A 461 5.76 -9.30 37.24
CA TYR A 461 5.93 -10.67 36.75
C TYR A 461 4.90 -11.74 37.18
N VAL A 462 4.39 -12.47 36.18
CA VAL A 462 3.53 -13.65 36.33
C VAL A 462 4.34 -14.77 35.67
N PRO A 463 4.62 -15.88 36.37
CA PRO A 463 5.50 -16.91 35.80
C PRO A 463 5.09 -17.47 34.43
N LEU A 464 6.06 -17.56 33.50
CA LEU A 464 5.77 -18.07 32.16
C LEU A 464 5.86 -19.59 32.07
N LYS A 465 4.84 -20.21 31.49
CA LYS A 465 4.83 -21.63 31.16
C LYS A 465 4.53 -21.73 29.65
N SER A 466 5.49 -22.25 28.87
CA SER A 466 5.30 -22.38 27.43
C SER A 466 6.22 -23.45 26.89
N ALA A 467 5.68 -24.33 26.03
CA ALA A 467 6.50 -25.35 25.39
C ALA A 467 7.41 -24.76 24.28
N THR A 468 7.12 -23.52 23.80
CA THR A 468 7.89 -22.84 22.74
C THR A 468 8.93 -21.84 23.26
N CYS A 469 9.19 -21.84 24.59
CA CYS A 469 10.24 -20.96 25.14
C CYS A 469 11.49 -21.85 25.17
N ILE A 470 12.27 -21.87 24.11
CA ILE A 470 13.45 -22.73 23.99
C ILE A 470 14.67 -22.08 24.65
N THR A 471 14.78 -22.28 25.98
CA THR A 471 15.84 -21.74 26.84
C THR A 471 16.36 -22.83 27.83
N ARG A 472 17.56 -22.60 28.41
CA ARG A 472 18.20 -23.46 29.40
C ARG A 472 17.31 -23.58 30.62
N CYS A 473 16.71 -22.47 31.08
CA CYS A 473 15.81 -22.43 32.22
C CYS A 473 14.56 -23.26 31.98
N ASN A 474 14.01 -23.21 30.75
CA ASN A 474 12.84 -24.03 30.42
C ASN A 474 13.20 -25.52 30.32
N LEU A 475 14.38 -25.83 29.77
CA LEU A 475 14.89 -27.21 29.75
C LEU A 475 15.06 -27.72 31.21
N GLY A 476 15.54 -26.84 32.09
CA GLY A 476 15.69 -27.09 33.52
C GLY A 476 14.41 -27.09 34.32
N GLY A 477 13.28 -26.88 33.67
CA GLY A 477 11.95 -26.96 34.29
C GLY A 477 11.27 -25.70 34.82
N ALA A 478 11.89 -24.52 34.70
CA ALA A 478 11.30 -23.29 35.22
C ALA A 478 11.89 -22.04 34.54
N VAL A 479 11.13 -21.40 33.65
CA VAL A 479 11.57 -20.19 32.92
C VAL A 479 11.94 -19.03 33.87
N CYS A 480 13.16 -18.49 33.72
CA CYS A 480 13.63 -17.38 34.55
C CYS A 480 12.91 -16.05 34.15
N ARG A 481 12.95 -15.04 35.02
CA ARG A 481 12.32 -13.75 34.76
C ARG A 481 12.82 -13.09 33.46
N HIS A 482 14.15 -13.07 33.24
CA HIS A 482 14.75 -12.50 32.05
C HIS A 482 14.20 -13.15 30.78
N HIS A 483 14.22 -14.50 30.72
CA HIS A 483 13.77 -15.19 29.53
C HIS A 483 12.24 -15.11 29.36
N ALA A 484 11.49 -14.95 30.45
CA ALA A 484 10.04 -14.76 30.36
C ALA A 484 9.74 -13.36 29.76
N ASN A 485 10.49 -12.32 30.17
CA ASN A 485 10.32 -10.95 29.66
C ASN A 485 10.65 -10.89 28.17
N GLU A 486 11.79 -11.49 27.80
CA GLU A 486 12.27 -11.54 26.43
C GLU A 486 11.34 -12.34 25.56
N TYR A 487 10.76 -13.43 26.08
CA TYR A 487 9.82 -14.26 25.33
C TYR A 487 8.58 -13.43 24.97
N ARG A 488 8.01 -12.72 25.96
CA ARG A 488 6.80 -11.94 25.77
C ARG A 488 7.02 -10.78 24.83
N LEU A 489 8.21 -10.15 24.89
CA LEU A 489 8.57 -9.07 23.98
C LEU A 489 8.71 -9.63 22.56
N TYR A 490 9.33 -10.80 22.41
CA TYR A 490 9.49 -11.48 21.13
C TYR A 490 8.16 -11.87 20.53
N LEU A 491 7.26 -12.42 21.33
CA LEU A 491 5.92 -12.81 20.91
C LEU A 491 5.13 -11.59 20.40
N ASP A 492 5.25 -10.43 21.08
CA ASP A 492 4.57 -9.22 20.64
C ASP A 492 5.12 -8.77 19.28
N ALA A 493 6.46 -8.80 19.11
CA ALA A 493 7.11 -8.42 17.86
C ALA A 493 6.68 -9.36 16.73
N TYR A 494 6.65 -10.66 17.00
CA TYR A 494 6.24 -11.67 16.05
C TYR A 494 4.79 -11.46 15.58
N ASN A 495 3.86 -11.26 16.53
CA ASN A 495 2.45 -11.03 16.20
C ASN A 495 2.24 -9.73 15.42
N MET A 496 3.06 -8.72 15.70
CA MET A 496 3.02 -7.42 15.02
C MET A 496 3.36 -7.64 13.52
N MET A 497 4.44 -8.38 13.25
CA MET A 497 4.95 -8.71 11.93
C MET A 497 3.95 -9.54 11.12
N ILE A 498 3.34 -10.56 11.74
CA ILE A 498 2.37 -11.43 11.09
C ILE A 498 1.12 -10.63 10.72
N SER A 499 0.61 -9.86 11.68
CA SER A 499 -0.58 -9.04 11.46
C SER A 499 -0.36 -7.94 10.40
N ALA A 500 0.90 -7.48 10.21
CA ALA A 500 1.25 -6.52 9.16
C ALA A 500 1.16 -7.15 7.74
N GLY A 501 1.05 -8.49 7.65
CA GLY A 501 0.90 -9.20 6.39
C GLY A 501 2.00 -10.17 6.03
N PHE A 502 3.08 -10.20 6.80
CA PHE A 502 4.20 -11.08 6.53
C PHE A 502 3.90 -12.54 6.88
N SER A 503 4.37 -13.44 6.02
CA SER A 503 4.19 -14.88 6.22
C SER A 503 5.56 -15.55 6.22
N LEU A 504 5.76 -16.52 7.08
CA LEU A 504 7.03 -17.21 7.24
C LEU A 504 6.95 -18.68 6.84
N TRP A 505 7.95 -19.13 6.09
CA TRP A 505 8.00 -20.48 5.56
C TRP A 505 9.41 -21.04 5.73
N VAL A 506 9.50 -22.38 5.85
CA VAL A 506 10.76 -23.04 6.14
C VAL A 506 10.84 -24.43 5.52
N TYR A 507 12.08 -24.94 5.34
CA TYR A 507 12.34 -26.29 4.85
C TYR A 507 11.64 -27.31 5.78
N LYS A 508 11.04 -28.35 5.19
CA LYS A 508 10.24 -29.36 5.91
C LYS A 508 10.95 -30.07 7.11
N GLN A 509 12.27 -30.27 7.05
CA GLN A 509 13.01 -30.92 8.13
C GLN A 509 13.21 -29.99 9.35
N PHE A 510 12.85 -28.68 9.27
CA PHE A 510 13.02 -27.77 10.40
C PHE A 510 12.23 -28.27 11.63
N ASP A 511 12.93 -28.45 12.74
CA ASP A 511 12.34 -28.99 13.95
C ASP A 511 13.02 -28.34 15.13
N THR A 512 12.25 -27.60 15.92
CA THR A 512 12.77 -26.95 17.12
C THR A 512 13.25 -27.92 18.21
N TYR A 513 12.85 -29.22 18.15
CA TYR A 513 13.36 -30.23 19.09
C TYR A 513 14.90 -30.31 19.00
N ASN A 514 15.47 -30.03 17.79
CA ASN A 514 16.91 -30.00 17.57
C ASN A 514 17.62 -28.83 18.29
N LEU A 515 16.87 -27.86 18.82
CA LEU A 515 17.48 -26.74 19.55
C LEU A 515 17.84 -27.04 21.02
N TRP A 516 17.09 -27.94 21.65
CA TRP A 516 17.33 -28.27 23.07
C TRP A 516 18.77 -28.76 23.33
N ASN A 517 19.34 -29.54 22.40
CA ASN A 517 20.70 -30.08 22.55
C ASN A 517 21.81 -29.03 22.39
N THR A 518 21.48 -27.77 22.03
CA THR A 518 22.50 -26.71 22.03
C THR A 518 22.72 -26.18 23.50
N PHE A 519 22.06 -26.78 24.52
CA PHE A 519 22.17 -26.45 25.94
C PHE A 519 22.84 -27.61 26.70
N THR A 520 24.15 -27.79 26.50
CA THR A 520 24.90 -28.87 27.15
C THR A 520 26.23 -28.34 27.73
ZN ZN B . -6.54 -3.52 -12.52
ZN ZN C . 16.48 -18.15 31.60
ZN ZN D . -9.44 17.79 12.77
P PO4 E . 0.13 12.28 2.50
O1 PO4 E . -0.53 12.20 3.91
O2 PO4 E . 1.15 11.06 2.26
O3 PO4 E . 0.94 13.67 2.45
O4 PO4 E . -0.99 12.16 1.36
P PO4 F . 18.00 -12.49 24.31
O1 PO4 F . 18.42 -12.12 25.78
O2 PO4 F . 18.70 -13.86 23.86
O3 PO4 F . 16.41 -12.63 24.20
O4 PO4 F . 18.47 -11.32 23.31
N1 O0S G . 9.13 -5.56 1.55
C4 O0S G . 11.33 -4.09 0.35
C5 O0S G . 11.27 -5.40 -0.06
C6 O0S G . 8.95 -5.87 0.27
C7 O0S G . 8.01 -5.54 2.29
C8 O0S G . 6.79 -5.87 1.78
C10 O0S G . 12.41 -6.20 -0.06
N O0S G . 14.89 -3.85 1.34
C O0S G . 16.57 -2.33 2.17
O O0S G . 14.25 -2.07 2.62
C1 O0S G . 15.13 -2.71 2.06
C11 O0S G . 13.59 -5.67 0.42
C2 O0S G . 13.66 -4.37 0.89
C3 O0S G . 12.52 -3.58 0.83
C9 O0S G . 6.74 -6.18 0.45
N2 O0S G . 7.83 -6.22 -0.33
O1 O0S G . 10.04 -5.93 -0.52
#